data_4XKR
#
_entry.id   4XKR
#
_cell.length_a   61.803
_cell.length_b   67.373
_cell.length_c   115.566
_cell.angle_alpha   90.00
_cell.angle_beta   90.00
_cell.angle_gamma   90.00
#
_symmetry.space_group_name_H-M   'P 21 21 21'
#
loop_
_entity.id
_entity.type
_entity.pdbx_description
1 polymer 'Nickel ABC transporter substrate-binding protein'
2 non-polymer 'NICKEL (II) ION'
3 non-polymer HISTIDINE
4 non-polymer '(2R,4R)-2-methyl-1,3-thiazolidine-2,4-dicarboxylic acid'
5 non-polymer '4-(2-HYDROXYETHYL)-1-PIPERAZINE ETHANESULFONIC ACID'
6 non-polymer GLYCEROL
7 non-polymer 'SODIUM ION'
8 water water
#
_entity_poly.entity_id   1
_entity_poly.type   'polypeptide(L)'
_entity_poly.pdbx_seq_one_letter_code
;CGSMHSSGKDLNISLPLKTKSIAPYETDVPVKIGAAESLFKTNDQGKIEKALVKSYHQPNDTTLDIELKDNIKFQNGQKL
TAEKVKSSLENSMKKSDLVKYSLPISSITAKGQKLTIKTNSAYPELVSELANPFMAIYDTDAKSDVNQTPVGTGPYQIKD
YKQSRKISLSNFKDYWQGKPKLDHITVTYQEDGNNRVRNLESQKDDLITDVPVNKVQDIENNQNLKVSKESGFRTSLLMY
NHTNKKMTKSVREALDHIIDRQGIADHIYQGYAKPATSPFNDKIPYIKEPKLTKQNIEQAKMLLAKDGYTKEHPLKIKLI
TYDGRPELSKIAQVLQSDAKKANIEIDIKSVDDIEGYLKDRSAWDATMYSFGTIPRGDTGYFFNQAYKKDGAINKGDYNN
SNVDDLINQLNHTVDVKERHNISNDIIKLSSRDVPNSYIAYNDQIVAANSKVKNYKVTPEGIYLIDYRTTIER
;
_entity_poly.pdbx_strand_id   A
#
# COMPACT_ATOMS: atom_id res chain seq x y z
N LYS A 9 -11.05 -15.12 -24.47
CA LYS A 9 -10.09 -14.14 -23.99
C LYS A 9 -9.77 -14.37 -22.52
N ASP A 10 -8.66 -15.08 -22.27
CA ASP A 10 -8.24 -15.37 -20.91
C ASP A 10 -6.96 -14.63 -20.60
N LEU A 11 -6.95 -13.96 -19.44
CA LEU A 11 -5.83 -13.13 -19.04
C LEU A 11 -5.10 -13.76 -17.86
N ASN A 12 -3.80 -13.97 -18.03
CA ASN A 12 -2.95 -14.53 -16.98
C ASN A 12 -2.12 -13.43 -16.33
N ILE A 13 -2.28 -13.25 -15.03
CA ILE A 13 -1.60 -12.17 -14.30
C ILE A 13 -0.62 -12.76 -13.30
N SER A 14 0.58 -12.21 -13.21
CA SER A 14 1.52 -12.58 -12.15
C SER A 14 1.81 -11.41 -11.20
N LEU A 15 1.51 -11.62 -9.92
CA LEU A 15 1.67 -10.59 -8.87
C LEU A 15 2.64 -11.04 -7.81
N PRO A 16 3.37 -10.09 -7.20
CA PRO A 16 4.13 -10.41 -6.00
C PRO A 16 3.22 -10.32 -4.77
N LEU A 17 3.78 -10.64 -3.61
CA LEU A 17 3.16 -10.45 -2.29
C LEU A 17 1.93 -11.34 -2.08
N LYS A 18 2.19 -12.64 -2.00
CA LYS A 18 1.14 -13.63 -1.80
C LYS A 18 0.29 -13.29 -0.59
N THR A 19 -1.01 -13.59 -0.74
CA THR A 19 -2.02 -13.39 0.30
C THR A 19 -2.31 -14.69 1.05
N LYS A 20 -2.87 -14.57 2.25
CA LYS A 20 -3.53 -15.72 2.87
C LYS A 20 -5.01 -15.53 2.59
N SER A 21 -5.75 -14.93 3.53
CA SER A 21 -7.13 -14.56 3.26
C SER A 21 -7.22 -13.59 2.10
N ILE A 22 -8.23 -13.76 1.24
CA ILE A 22 -8.47 -12.69 0.28
C ILE A 22 -9.84 -12.04 0.51
N ALA A 23 -10.29 -12.03 1.76
CA ALA A 23 -11.36 -11.10 2.15
C ALA A 23 -10.92 -9.68 1.77
N PRO A 24 -11.83 -8.88 1.23
CA PRO A 24 -11.44 -7.51 0.86
C PRO A 24 -10.88 -6.69 2.04
N TYR A 25 -11.29 -6.99 3.27
CA TYR A 25 -10.79 -6.26 4.42
C TYR A 25 -9.42 -6.78 4.89
N GLU A 26 -8.87 -7.77 4.19
CA GLU A 26 -7.53 -8.31 4.50
C GLU A 26 -6.47 -7.92 3.47
N THR A 27 -6.91 -7.51 2.29
CA THR A 27 -5.98 -7.23 1.19
C THR A 27 -6.67 -6.44 0.09
N ASP A 28 -5.90 -5.62 -0.63
CA ASP A 28 -6.46 -4.87 -1.75
C ASP A 28 -6.52 -5.69 -3.04
N VAL A 29 -6.08 -6.93 -2.99
CA VAL A 29 -6.06 -7.76 -4.20
C VAL A 29 -7.46 -7.90 -4.86
N PRO A 30 -8.54 -8.14 -4.09
CA PRO A 30 -9.84 -8.17 -4.79
C PRO A 30 -10.20 -6.91 -5.59
N VAL A 31 -9.81 -5.73 -5.12
CA VAL A 31 -10.06 -4.49 -5.87
C VAL A 31 -9.12 -4.42 -7.09
N LYS A 32 -7.85 -4.75 -6.86
CA LYS A 32 -6.85 -4.78 -7.90
C LYS A 32 -7.24 -5.66 -9.08
N ILE A 33 -7.82 -6.82 -8.81
CA ILE A 33 -8.02 -7.80 -9.88
C ILE A 33 -9.44 -7.78 -10.44
N GLY A 34 -10.23 -6.80 -9.98
CA GLY A 34 -11.56 -6.54 -10.51
C GLY A 34 -12.68 -7.32 -9.87
N ALA A 35 -12.46 -7.83 -8.66
CA ALA A 35 -13.50 -8.63 -8.00
C ALA A 35 -14.41 -7.77 -7.14
N ALA A 36 -13.86 -6.70 -6.58
CA ALA A 36 -14.62 -5.90 -5.64
C ALA A 36 -14.39 -4.42 -5.86
N GLU A 37 -15.31 -3.63 -5.33
CA GLU A 37 -15.31 -2.17 -5.48
C GLU A 37 -15.69 -1.50 -4.16
N SER A 38 -15.11 -0.34 -3.89
CA SER A 38 -15.48 0.46 -2.74
C SER A 38 -16.50 1.53 -3.14
N LEU A 39 -17.11 2.19 -2.15
CA LEU A 39 -18.21 3.14 -2.41
C LEU A 39 -17.72 4.29 -3.26
N PHE A 40 -16.48 4.69 -2.99
CA PHE A 40 -15.77 5.73 -3.69
C PHE A 40 -14.50 5.15 -4.30
N LYS A 41 -13.90 5.90 -5.22
CA LYS A 41 -12.63 5.51 -5.82
C LYS A 41 -11.78 6.75 -6.04
N THR A 42 -10.55 6.57 -6.49
CA THR A 42 -9.84 7.68 -7.08
C THR A 42 -9.79 7.45 -8.57
N ASN A 43 -9.77 8.55 -9.33
CA ASN A 43 -9.73 8.43 -10.78
C ASN A 43 -8.30 8.43 -11.26
N ASP A 44 -8.10 8.53 -12.57
CA ASP A 44 -6.75 8.42 -13.11
C ASP A 44 -5.84 9.54 -12.62
N GLN A 45 -6.41 10.66 -12.22
CA GLN A 45 -5.60 11.77 -11.72
C GLN A 45 -5.52 11.77 -10.20
N GLY A 46 -6.03 10.71 -9.58
CA GLY A 46 -5.94 10.56 -8.14
C GLY A 46 -6.97 11.28 -7.28
N LYS A 47 -8.03 11.80 -7.89
CA LYS A 47 -9.04 12.54 -7.15
C LYS A 47 -10.19 11.62 -6.76
N ILE A 48 -10.75 11.85 -5.57
CA ILE A 48 -11.84 11.04 -5.07
C ILE A 48 -13.08 11.24 -5.95
N GLU A 49 -13.74 10.14 -6.31
CA GLU A 49 -14.98 10.18 -7.10
C GLU A 49 -16.00 9.23 -6.48
N LYS A 50 -17.28 9.53 -6.59
CA LYS A 50 -18.31 8.52 -6.33
C LYS A 50 -18.15 7.32 -7.26
N ALA A 51 -18.31 6.10 -6.73
CA ALA A 51 -18.23 4.89 -7.55
C ALA A 51 -19.57 4.15 -7.53
N LEU A 52 -19.88 3.52 -6.40
CA LEU A 52 -21.16 2.83 -6.21
C LEU A 52 -22.26 3.79 -5.80
N VAL A 53 -21.84 5.00 -5.42
CA VAL A 53 -22.69 6.04 -4.89
C VAL A 53 -23.28 6.90 -6.00
N LYS A 54 -24.59 7.13 -5.94
CA LYS A 54 -25.25 8.01 -6.90
C LYS A 54 -25.12 9.47 -6.44
N SER A 55 -25.35 9.70 -5.15
N SER A 55 -25.32 9.70 -5.15
CA SER A 55 -25.29 11.04 -4.56
CA SER A 55 -25.26 11.05 -4.59
C SER A 55 -24.89 10.94 -3.09
C SER A 55 -25.03 11.03 -3.08
N TYR A 56 -24.25 11.98 -2.58
CA TYR A 56 -24.08 12.09 -1.15
C TYR A 56 -24.11 13.54 -0.72
N HIS A 57 -24.37 13.70 0.56
CA HIS A 57 -24.53 15.01 1.20
C HIS A 57 -23.99 14.90 2.60
N GLN A 58 -23.56 16.04 3.14
CA GLN A 58 -23.06 16.10 4.51
C GLN A 58 -23.72 17.29 5.19
N PRO A 59 -24.95 17.09 5.69
CA PRO A 59 -25.78 18.17 6.24
C PRO A 59 -25.14 18.81 7.47
N ASN A 60 -24.33 18.06 8.20
CA ASN A 60 -23.52 18.61 9.30
C ASN A 60 -22.27 17.75 9.41
N ASP A 61 -21.37 18.10 10.32
CA ASP A 61 -20.08 17.43 10.30
C ASP A 61 -20.04 16.08 11.02
N THR A 62 -21.19 15.60 11.47
CA THR A 62 -21.25 14.26 12.04
C THR A 62 -22.19 13.36 11.24
N THR A 63 -22.60 13.82 10.06
CA THR A 63 -23.59 13.11 9.27
C THR A 63 -23.19 13.00 7.80
N LEU A 64 -23.20 11.77 7.28
CA LEU A 64 -22.97 11.51 5.86
C LEU A 64 -24.16 10.75 5.29
N ASP A 65 -24.93 11.40 4.40
CA ASP A 65 -26.06 10.76 3.76
C ASP A 65 -25.68 10.30 2.36
N ILE A 66 -25.87 9.02 2.10
CA ILE A 66 -25.50 8.41 0.84
C ILE A 66 -26.72 7.80 0.16
N GLU A 67 -26.86 8.06 -1.14
CA GLU A 67 -27.80 7.30 -1.96
C GLU A 67 -27.01 6.43 -2.93
N LEU A 68 -27.22 5.12 -2.92
CA LEU A 68 -26.53 4.22 -3.84
C LEU A 68 -27.15 4.24 -5.23
N LYS A 69 -26.35 3.93 -6.24
CA LYS A 69 -26.89 3.67 -7.56
C LYS A 69 -27.91 2.52 -7.51
N ASP A 70 -28.93 2.57 -8.36
CA ASP A 70 -30.01 1.60 -8.26
C ASP A 70 -29.88 0.42 -9.24
N ASN A 71 -28.85 0.44 -10.07
CA ASN A 71 -28.69 -0.59 -11.12
C ASN A 71 -27.53 -1.55 -10.87
N ILE A 72 -27.13 -1.71 -9.62
CA ILE A 72 -25.97 -2.54 -9.32
C ILE A 72 -26.30 -3.83 -8.59
N LYS A 73 -25.78 -4.95 -9.12
CA LYS A 73 -25.92 -6.26 -8.49
C LYS A 73 -24.56 -6.84 -8.07
N PHE A 74 -24.58 -7.68 -7.03
CA PHE A 74 -23.42 -8.49 -6.69
C PHE A 74 -23.31 -9.60 -7.71
N GLN A 75 -22.16 -10.27 -7.73
CA GLN A 75 -21.89 -11.30 -8.72
C GLN A 75 -22.80 -12.53 -8.62
N ASN A 76 -23.45 -12.71 -7.47
CA ASN A 76 -24.43 -13.79 -7.29
C ASN A 76 -25.85 -13.36 -7.72
N GLY A 77 -25.97 -12.14 -8.24
CA GLY A 77 -27.26 -11.65 -8.69
C GLY A 77 -28.08 -10.88 -7.65
N GLN A 78 -27.63 -10.89 -6.39
CA GLN A 78 -28.23 -10.09 -5.32
C GLN A 78 -28.06 -8.59 -5.56
N LYS A 79 -29.11 -7.83 -5.30
CA LYS A 79 -29.08 -6.38 -5.49
C LYS A 79 -28.17 -5.69 -4.46
N LEU A 80 -27.42 -4.68 -4.89
CA LEU A 80 -26.66 -3.84 -3.97
C LEU A 80 -27.61 -2.80 -3.40
N THR A 81 -27.94 -2.98 -2.12
CA THR A 81 -28.85 -2.12 -1.38
C THR A 81 -28.13 -1.42 -0.24
N ALA A 82 -28.79 -0.47 0.43
CA ALA A 82 -28.16 0.19 1.56
C ALA A 82 -27.94 -0.78 2.73
N GLU A 83 -28.86 -1.72 2.91
CA GLU A 83 -28.69 -2.73 3.96
C GLU A 83 -27.45 -3.60 3.69
N LYS A 84 -27.19 -3.91 2.42
CA LYS A 84 -26.01 -4.72 2.09
C LYS A 84 -24.73 -3.92 2.33
N VAL A 85 -24.78 -2.62 2.05
CA VAL A 85 -23.60 -1.81 2.29
C VAL A 85 -23.36 -1.68 3.79
N LYS A 86 -24.43 -1.44 4.54
CA LYS A 86 -24.35 -1.40 5.99
C LYS A 86 -23.71 -2.66 6.57
N SER A 87 -24.19 -3.84 6.16
CA SER A 87 -23.68 -5.06 6.76
C SER A 87 -22.22 -5.31 6.36
N SER A 88 -21.87 -4.94 5.13
CA SER A 88 -20.48 -5.08 4.65
C SER A 88 -19.53 -4.18 5.45
N LEU A 89 -19.86 -2.90 5.56
CA LEU A 89 -19.00 -1.97 6.29
C LEU A 89 -18.88 -2.42 7.72
N GLU A 90 -19.99 -2.82 8.33
CA GLU A 90 -19.94 -3.18 9.73
C GLU A 90 -19.13 -4.45 9.94
N ASN A 91 -19.24 -5.40 9.03
CA ASN A 91 -18.44 -6.61 9.15
C ASN A 91 -16.97 -6.31 9.02
N SER A 92 -16.63 -5.49 8.03
CA SER A 92 -15.22 -5.13 7.80
C SER A 92 -14.63 -4.39 8.98
N MET A 93 -15.43 -3.52 9.59
CA MET A 93 -14.97 -2.83 10.79
C MET A 93 -14.74 -3.80 11.95
N LYS A 94 -15.62 -4.79 12.10
CA LYS A 94 -15.46 -5.79 13.16
C LYS A 94 -14.26 -6.68 12.96
N LYS A 95 -13.95 -6.98 11.70
CA LYS A 95 -12.97 -8.00 11.37
C LYS A 95 -11.57 -7.45 11.07
N SER A 96 -11.46 -6.14 10.89
CA SER A 96 -10.17 -5.53 10.54
C SER A 96 -9.86 -4.27 11.33
N ASP A 97 -8.73 -4.28 12.05
CA ASP A 97 -8.27 -3.07 12.72
C ASP A 97 -7.99 -1.94 11.75
N LEU A 98 -7.42 -2.24 10.58
CA LEU A 98 -7.17 -1.20 9.59
C LEU A 98 -8.46 -0.48 9.29
N VAL A 99 -9.49 -1.25 8.96
CA VAL A 99 -10.78 -0.68 8.59
C VAL A 99 -11.37 0.09 9.75
N LYS A 100 -11.37 -0.53 10.92
CA LYS A 100 -11.89 0.06 12.14
C LYS A 100 -11.24 1.41 12.41
N TYR A 101 -9.92 1.47 12.31
CA TYR A 101 -9.23 2.70 12.67
C TYR A 101 -9.35 3.79 11.60
N SER A 102 -9.61 3.40 10.36
CA SER A 102 -9.85 4.38 9.30
C SER A 102 -11.30 4.89 9.27
N LEU A 103 -12.23 4.13 9.88
CA LEU A 103 -13.65 4.50 9.87
C LEU A 103 -14.25 4.67 11.28
N PRO A 104 -14.09 5.85 11.87
CA PRO A 104 -14.62 6.09 13.22
C PRO A 104 -16.13 6.31 13.18
N ILE A 105 -16.85 5.30 12.72
CA ILE A 105 -18.29 5.39 12.49
C ILE A 105 -19.01 5.01 13.77
N SER A 106 -19.93 5.84 14.21
CA SER A 106 -20.66 5.55 15.45
C SER A 106 -21.96 4.79 15.18
N SER A 107 -22.59 5.05 14.04
CA SER A 107 -23.79 4.30 13.65
C SER A 107 -24.05 4.39 12.16
N ILE A 108 -24.80 3.40 11.66
CA ILE A 108 -25.23 3.37 10.27
C ILE A 108 -26.72 3.00 10.26
N THR A 109 -27.53 3.73 9.51
CA THR A 109 -28.92 3.30 9.28
C THR A 109 -29.15 3.19 7.80
N ALA A 110 -30.11 2.36 7.41
CA ALA A 110 -30.31 2.06 6.01
C ALA A 110 -31.76 1.77 5.67
N LYS A 111 -32.17 2.21 4.49
CA LYS A 111 -33.49 1.90 3.96
C LYS A 111 -33.45 2.08 2.46
N GLY A 112 -33.80 1.04 1.74
CA GLY A 112 -33.80 1.10 0.29
C GLY A 112 -32.37 1.33 -0.17
N GLN A 113 -32.18 2.38 -0.96
CA GLN A 113 -30.85 2.67 -1.49
C GLN A 113 -30.15 3.75 -0.68
N LYS A 114 -30.79 4.20 0.39
CA LYS A 114 -30.18 5.26 1.18
C LYS A 114 -29.58 4.75 2.48
N LEU A 115 -28.39 5.24 2.80
CA LEU A 115 -27.85 5.03 4.12
C LEU A 115 -27.33 6.32 4.73
N THR A 116 -27.36 6.35 6.06
CA THR A 116 -26.80 7.46 6.81
C THR A 116 -25.72 6.95 7.73
N ILE A 117 -24.55 7.53 7.59
CA ILE A 117 -23.39 7.18 8.40
C ILE A 117 -23.14 8.33 9.35
N LYS A 118 -23.07 8.02 10.63
CA LYS A 118 -22.80 9.01 11.66
C LYS A 118 -21.44 8.83 12.29
N THR A 119 -20.89 9.92 12.78
CA THR A 119 -19.69 9.90 13.60
C THR A 119 -19.98 10.67 14.89
N ASN A 120 -19.10 10.57 15.88
CA ASN A 120 -19.32 11.30 17.13
C ASN A 120 -18.78 12.73 17.05
N SER A 121 -17.79 12.93 16.20
CA SER A 121 -17.27 14.27 15.94
C SER A 121 -16.80 14.36 14.49
N ALA A 122 -16.37 15.55 14.10
CA ALA A 122 -15.94 15.79 12.73
C ALA A 122 -14.73 14.94 12.34
N TYR A 123 -14.89 14.16 11.28
CA TYR A 123 -13.80 13.38 10.71
C TYR A 123 -13.82 13.65 9.21
N PRO A 124 -13.12 14.71 8.78
CA PRO A 124 -13.13 15.12 7.38
C PRO A 124 -12.68 14.03 6.40
N GLU A 125 -11.82 13.11 6.83
CA GLU A 125 -11.31 12.12 5.89
C GLU A 125 -12.16 10.86 5.79
N LEU A 126 -13.34 10.86 6.38
CA LEU A 126 -14.22 9.71 6.31
C LEU A 126 -14.54 9.32 4.86
N VAL A 127 -14.97 10.30 4.06
CA VAL A 127 -15.34 9.99 2.68
C VAL A 127 -14.16 9.38 1.91
N SER A 128 -13.00 10.01 2.05
N SER A 128 -12.99 9.99 2.05
CA SER A 128 -11.79 9.52 1.40
CA SER A 128 -11.81 9.48 1.34
C SER A 128 -11.51 8.07 1.76
C SER A 128 -11.48 8.05 1.76
N GLU A 129 -11.63 7.74 3.04
CA GLU A 129 -11.30 6.39 3.48
C GLU A 129 -12.39 5.38 3.04
N LEU A 130 -13.56 5.84 2.63
CA LEU A 130 -14.52 4.94 2.04
C LEU A 130 -14.14 4.55 0.59
N ALA A 131 -13.09 5.17 0.04
CA ALA A 131 -12.51 4.72 -1.23
C ALA A 131 -11.36 3.73 -1.04
N ASN A 132 -10.92 3.56 0.21
CA ASN A 132 -9.88 2.60 0.54
C ASN A 132 -10.31 1.19 0.07
N PRO A 133 -9.43 0.47 -0.63
CA PRO A 133 -9.86 -0.85 -1.13
C PRO A 133 -10.19 -1.86 -0.02
N PHE A 134 -9.65 -1.66 1.19
CA PHE A 134 -9.96 -2.55 2.31
C PHE A 134 -11.43 -2.40 2.73
N MET A 135 -12.07 -1.33 2.26
CA MET A 135 -13.47 -1.03 2.56
C MET A 135 -14.39 -1.48 1.41
N ALA A 136 -13.87 -2.32 0.51
CA ALA A 136 -14.65 -2.78 -0.67
C ALA A 136 -15.89 -3.52 -0.19
N ILE A 137 -16.99 -3.38 -0.92
CA ILE A 137 -18.27 -3.96 -0.53
C ILE A 137 -18.44 -5.39 -1.00
N TYR A 138 -18.82 -6.29 -0.10
CA TYR A 138 -19.07 -7.67 -0.47
C TYR A 138 -20.40 -8.10 0.16
N ASP A 139 -20.93 -9.22 -0.32
CA ASP A 139 -22.22 -9.68 0.16
C ASP A 139 -22.05 -10.50 1.44
N THR A 140 -22.46 -9.93 2.57
CA THR A 140 -22.22 -10.60 3.84
C THR A 140 -23.14 -11.80 4.05
N ASP A 141 -24.16 -11.92 3.22
CA ASP A 141 -25.07 -13.07 3.27
C ASP A 141 -24.70 -14.17 2.26
N ALA A 142 -23.62 -14.00 1.51
CA ALA A 142 -23.21 -15.04 0.58
C ALA A 142 -22.88 -16.32 1.34
N LYS A 143 -23.33 -17.46 0.82
CA LYS A 143 -23.08 -18.73 1.49
C LYS A 143 -21.77 -19.34 0.98
N SER A 144 -20.70 -18.56 1.10
CA SER A 144 -19.35 -19.04 0.83
C SER A 144 -18.37 -18.31 1.76
N ASP A 145 -17.16 -18.85 1.92
CA ASP A 145 -16.19 -18.23 2.83
C ASP A 145 -15.64 -16.95 2.20
N VAL A 146 -15.88 -15.81 2.84
CA VAL A 146 -15.40 -14.50 2.34
C VAL A 146 -13.87 -14.47 2.24
N ASN A 147 -13.19 -15.33 3.01
CA ASN A 147 -11.74 -15.40 2.98
C ASN A 147 -11.19 -16.16 1.77
N GLN A 148 -12.07 -16.85 1.04
CA GLN A 148 -11.67 -17.59 -0.15
C GLN A 148 -12.32 -17.09 -1.42
N THR A 149 -13.64 -16.97 -1.39
CA THR A 149 -14.39 -16.49 -2.55
C THR A 149 -15.41 -15.42 -2.15
N PRO A 150 -14.93 -14.22 -1.81
CA PRO A 150 -15.84 -13.12 -1.51
C PRO A 150 -16.70 -12.81 -2.73
N VAL A 151 -17.94 -12.38 -2.51
CA VAL A 151 -18.82 -12.01 -3.60
C VAL A 151 -18.90 -10.49 -3.62
N GLY A 152 -18.40 -9.90 -4.71
CA GLY A 152 -18.36 -8.44 -4.85
C GLY A 152 -19.24 -7.95 -5.98
N THR A 153 -19.06 -6.68 -6.35
CA THR A 153 -19.84 -6.08 -7.43
C THR A 153 -18.96 -5.85 -8.66
N GLY A 154 -17.69 -6.25 -8.57
CA GLY A 154 -16.71 -5.98 -9.62
C GLY A 154 -16.97 -6.81 -10.88
N PRO A 155 -16.26 -6.50 -11.97
CA PRO A 155 -16.50 -7.21 -13.24
C PRO A 155 -16.06 -8.68 -13.30
N TYR A 156 -15.21 -9.13 -12.38
CA TYR A 156 -14.75 -10.53 -12.39
C TYR A 156 -14.98 -11.20 -11.05
N GLN A 157 -15.75 -12.28 -11.04
CA GLN A 157 -16.04 -13.00 -9.81
C GLN A 157 -14.98 -14.05 -9.52
N ILE A 158 -14.51 -14.03 -8.28
CA ILE A 158 -13.59 -15.06 -7.81
C ILE A 158 -14.33 -16.39 -7.74
N LYS A 159 -13.85 -17.37 -8.50
CA LYS A 159 -14.52 -18.67 -8.60
C LYS A 159 -13.75 -19.75 -7.85
N ASP A 160 -12.43 -19.60 -7.78
CA ASP A 160 -11.60 -20.58 -7.09
C ASP A 160 -10.38 -19.90 -6.51
N TYR A 161 -9.97 -20.32 -5.32
CA TYR A 161 -8.76 -19.77 -4.71
C TYR A 161 -7.94 -20.90 -4.11
N LYS A 162 -6.71 -21.03 -4.57
CA LYS A 162 -5.74 -21.93 -3.97
C LYS A 162 -4.87 -21.03 -3.11
N GLN A 163 -5.02 -21.14 -1.79
CA GLN A 163 -4.43 -20.18 -0.86
C GLN A 163 -2.93 -19.91 -1.11
N SER A 164 -2.59 -18.62 -1.19
CA SER A 164 -1.22 -18.12 -1.37
C SER A 164 -0.63 -18.46 -2.73
N ARG A 165 -1.46 -18.95 -3.65
CA ARG A 165 -0.96 -19.52 -4.90
C ARG A 165 -1.65 -18.96 -6.14
N LYS A 166 -2.96 -19.13 -6.22
CA LYS A 166 -3.67 -18.85 -7.47
C LYS A 166 -5.13 -18.49 -7.24
N ILE A 167 -5.54 -17.43 -7.92
CA ILE A 167 -6.94 -17.01 -7.94
C ILE A 167 -7.51 -17.14 -9.35
N SER A 168 -8.66 -17.78 -9.46
CA SER A 168 -9.36 -17.96 -10.73
C SER A 168 -10.64 -17.16 -10.74
N LEU A 169 -10.80 -16.28 -11.73
CA LEU A 169 -11.99 -15.44 -11.82
C LEU A 169 -12.70 -15.61 -13.17
N SER A 170 -13.99 -15.33 -13.17
CA SER A 170 -14.81 -15.41 -14.37
C SER A 170 -15.59 -14.12 -14.60
N ASN A 171 -15.79 -13.79 -15.87
CA ASN A 171 -16.62 -12.67 -16.29
C ASN A 171 -17.97 -12.63 -15.56
N PHE A 172 -18.27 -11.53 -14.89
CA PHE A 172 -19.61 -11.29 -14.37
C PHE A 172 -20.39 -10.50 -15.41
N LYS A 173 -21.20 -11.20 -16.20
CA LYS A 173 -21.82 -10.62 -17.39
C LYS A 173 -22.76 -9.44 -17.12
N ASP A 174 -23.31 -9.39 -15.91
CA ASP A 174 -24.23 -8.32 -15.56
C ASP A 174 -23.56 -7.19 -14.79
N TYR A 175 -22.24 -7.09 -14.91
CA TYR A 175 -21.48 -6.03 -14.22
C TYR A 175 -22.09 -4.67 -14.55
N TRP A 176 -22.27 -3.84 -13.52
CA TRP A 176 -23.09 -2.64 -13.68
C TRP A 176 -22.60 -1.60 -14.70
N GLN A 177 -21.29 -1.47 -14.90
CA GLN A 177 -20.76 -0.37 -15.73
C GLN A 177 -20.69 -0.72 -17.21
N GLY A 178 -20.63 -2.02 -17.49
CA GLY A 178 -20.49 -2.50 -18.86
C GLY A 178 -20.19 -3.99 -18.86
N LYS A 179 -20.40 -4.65 -19.99
CA LYS A 179 -20.07 -6.07 -20.07
C LYS A 179 -18.56 -6.22 -20.12
N PRO A 180 -17.97 -6.92 -19.12
CA PRO A 180 -16.51 -7.04 -19.07
C PRO A 180 -15.96 -7.74 -20.31
N LYS A 181 -14.71 -7.42 -20.66
CA LYS A 181 -14.17 -7.80 -21.97
C LYS A 181 -13.45 -9.13 -22.00
N LEU A 182 -13.10 -9.67 -20.83
CA LEU A 182 -12.37 -10.93 -20.74
C LEU A 182 -13.30 -12.06 -20.31
N ASP A 183 -13.01 -13.28 -20.74
CA ASP A 183 -13.80 -14.44 -20.29
C ASP A 183 -13.35 -14.89 -18.90
N HIS A 184 -12.05 -15.01 -18.71
CA HIS A 184 -11.48 -15.49 -17.46
C HIS A 184 -10.23 -14.70 -17.12
N ILE A 185 -9.87 -14.74 -15.86
CA ILE A 185 -8.61 -14.18 -15.38
C ILE A 185 -8.00 -15.19 -14.44
N THR A 186 -6.70 -15.44 -14.57
CA THR A 186 -6.01 -16.31 -13.62
C THR A 186 -4.87 -15.52 -13.01
N VAL A 187 -4.86 -15.40 -11.69
CA VAL A 187 -3.83 -14.63 -10.98
C VAL A 187 -2.96 -15.61 -10.23
N THR A 188 -1.65 -15.56 -10.48
CA THR A 188 -0.71 -16.42 -9.77
CA THR A 188 -0.75 -16.42 -9.73
C THR A 188 0.31 -15.55 -9.05
N TYR A 189 0.68 -15.95 -7.84
CA TYR A 189 1.70 -15.25 -7.08
C TYR A 189 3.09 -15.74 -7.41
N GLN A 190 3.99 -14.79 -7.63
CA GLN A 190 5.40 -15.04 -7.88
C GLN A 190 6.20 -13.90 -7.22
N GLU A 191 6.98 -14.22 -6.21
CA GLU A 191 7.68 -13.18 -5.46
C GLU A 191 8.90 -12.64 -6.19
N ASP A 192 9.53 -13.47 -7.02
CA ASP A 192 10.78 -13.11 -7.69
C ASP A 192 10.48 -12.33 -8.97
N GLY A 193 10.90 -11.06 -9.01
CA GLY A 193 10.61 -10.22 -10.16
C GLY A 193 11.24 -10.75 -11.44
N ASN A 194 12.42 -11.35 -11.33
CA ASN A 194 13.06 -11.92 -12.52
C ASN A 194 12.27 -13.10 -13.08
N ASN A 195 11.70 -13.90 -12.19
CA ASN A 195 10.78 -14.97 -12.59
C ASN A 195 9.51 -14.40 -13.25
N ARG A 196 8.99 -13.30 -12.70
CA ARG A 196 7.78 -12.69 -13.28
C ARG A 196 8.05 -12.29 -14.73
N VAL A 197 9.22 -11.69 -14.96
CA VAL A 197 9.58 -11.26 -16.32
C VAL A 197 9.80 -12.47 -17.23
N ARG A 198 10.44 -13.51 -16.71
CA ARG A 198 10.60 -14.73 -17.50
C ARG A 198 9.25 -15.33 -17.91
N ASN A 199 8.30 -15.31 -16.98
CA ASN A 199 6.95 -15.79 -17.25
C ASN A 199 6.27 -14.98 -18.34
N LEU A 200 6.43 -13.67 -18.28
CA LEU A 200 5.93 -12.79 -19.33
C LEU A 200 6.59 -13.11 -20.67
N GLU A 201 7.91 -13.24 -20.67
CA GLU A 201 8.67 -13.44 -21.89
C GLU A 201 8.31 -14.78 -22.54
N SER A 202 7.99 -15.79 -21.73
CA SER A 202 7.63 -17.11 -22.23
C SER A 202 6.14 -17.24 -22.51
N GLN A 203 5.40 -16.16 -22.27
CA GLN A 203 3.95 -16.10 -22.46
C GLN A 203 3.19 -16.99 -21.48
N LYS A 204 3.85 -17.41 -20.42
CA LYS A 204 3.17 -18.11 -19.33
C LYS A 204 2.16 -17.13 -18.69
N ASP A 205 2.58 -15.88 -18.55
CA ASP A 205 1.69 -14.82 -18.06
C ASP A 205 1.63 -13.68 -19.07
N ASP A 206 0.59 -12.86 -18.96
CA ASP A 206 0.31 -11.79 -19.92
C ASP A 206 0.50 -10.39 -19.34
N LEU A 207 0.48 -10.29 -18.01
CA LEU A 207 0.50 -9.00 -17.33
C LEU A 207 1.18 -9.20 -15.97
N ILE A 208 2.21 -8.41 -15.70
CA ILE A 208 2.95 -8.53 -14.45
C ILE A 208 3.19 -7.16 -13.80
N THR A 209 3.35 -7.13 -12.49
CA THR A 209 3.60 -5.85 -11.83
C THR A 209 4.99 -5.88 -11.17
N ASP A 210 5.43 -4.72 -10.71
CA ASP A 210 6.71 -4.59 -9.99
C ASP A 210 7.87 -5.20 -10.75
N VAL A 211 8.02 -4.75 -11.99
CA VAL A 211 9.10 -5.16 -12.85
C VAL A 211 10.42 -4.65 -12.28
N PRO A 212 11.41 -5.55 -12.11
CA PRO A 212 12.76 -5.11 -11.71
C PRO A 212 13.30 -4.09 -12.71
N VAL A 213 13.89 -3.01 -12.21
CA VAL A 213 14.33 -1.94 -13.09
C VAL A 213 15.37 -2.44 -14.11
N ASN A 214 16.14 -3.47 -13.75
CA ASN A 214 17.18 -3.93 -14.68
C ASN A 214 16.64 -4.82 -15.80
N LYS A 215 15.32 -5.08 -15.80
CA LYS A 215 14.71 -5.83 -16.90
CA LYS A 215 14.70 -5.83 -16.89
C LYS A 215 13.91 -4.92 -17.83
N VAL A 216 13.77 -3.65 -17.45
CA VAL A 216 12.96 -2.72 -18.23
C VAL A 216 13.45 -2.63 -19.68
N GLN A 217 14.75 -2.53 -19.87
CA GLN A 217 15.32 -2.42 -21.22
C GLN A 217 14.99 -3.64 -22.06
N ASP A 218 15.10 -4.83 -21.47
CA ASP A 218 14.80 -6.06 -22.20
C ASP A 218 13.36 -6.07 -22.69
N ILE A 219 12.44 -5.68 -21.81
CA ILE A 219 11.03 -5.63 -22.17
C ILE A 219 10.74 -4.56 -23.23
N GLU A 220 11.40 -3.41 -23.12
CA GLU A 220 11.26 -2.37 -24.15
C GLU A 220 11.80 -2.86 -25.51
N ASN A 221 12.87 -3.65 -25.49
CA ASN A 221 13.45 -4.16 -26.74
C ASN A 221 12.52 -5.14 -27.44
N ASN A 222 11.68 -5.81 -26.66
CA ASN A 222 10.85 -6.90 -27.13
C ASN A 222 9.56 -6.37 -27.75
N GLN A 223 9.35 -6.56 -29.04
CA GLN A 223 8.17 -5.98 -29.68
C GLN A 223 6.88 -6.68 -29.29
N ASN A 224 6.98 -7.86 -28.70
CA ASN A 224 5.80 -8.57 -28.20
C ASN A 224 5.32 -8.03 -26.85
N LEU A 225 6.13 -7.19 -26.21
CA LEU A 225 5.83 -6.70 -24.86
C LEU A 225 5.83 -5.17 -24.74
N LYS A 226 5.20 -4.65 -23.69
CA LYS A 226 5.25 -3.23 -23.43
C LYS A 226 5.43 -2.95 -21.95
N VAL A 227 6.06 -1.82 -21.65
CA VAL A 227 6.28 -1.41 -20.28
C VAL A 227 5.56 -0.11 -19.99
N SER A 228 4.96 -0.04 -18.81
CA SER A 228 4.40 1.21 -18.33
C SER A 228 5.09 1.55 -17.02
N LYS A 229 5.48 2.82 -16.87
CA LYS A 229 5.95 3.31 -15.59
C LYS A 229 4.94 4.34 -15.07
N GLU A 230 4.93 4.53 -13.76
CA GLU A 230 4.12 5.58 -13.14
C GLU A 230 4.77 5.98 -11.83
N SER A 231 5.05 7.28 -11.68
CA SER A 231 5.78 7.73 -10.49
C SER A 231 5.02 7.50 -9.19
N GLY A 232 3.74 7.84 -9.15
CA GLY A 232 2.89 7.50 -8.02
C GLY A 232 3.35 7.80 -6.58
N PHE A 233 2.78 7.06 -5.63
CA PHE A 233 2.90 7.41 -4.23
C PHE A 233 3.34 6.23 -3.35
N ARG A 234 4.30 5.46 -3.85
CA ARG A 234 4.90 4.38 -3.07
C ARG A 234 6.34 4.74 -2.70
N THR A 235 6.71 4.42 -1.47
CA THR A 235 8.00 4.78 -0.91
C THR A 235 8.69 3.56 -0.31
N SER A 236 9.94 3.34 -0.68
CA SER A 236 10.71 2.28 -0.06
C SER A 236 11.42 2.85 1.15
N LEU A 237 11.73 1.98 2.11
CA LEU A 237 12.23 2.45 3.39
C LEU A 237 12.98 1.37 4.15
N LEU A 238 13.73 1.82 5.15
CA LEU A 238 14.27 0.95 6.18
C LEU A 238 13.43 1.21 7.41
N MET A 239 12.72 0.17 7.84
CA MET A 239 11.76 0.27 8.94
C MET A 239 12.39 -0.28 10.20
N TYR A 240 12.34 0.48 11.28
CA TYR A 240 12.95 0.05 12.54
C TYR A 240 11.93 -0.60 13.50
N ASN A 241 12.41 -1.58 14.25
CA ASN A 241 11.58 -2.21 15.28
C ASN A 241 11.78 -1.48 16.58
N HIS A 242 10.86 -0.59 16.91
CA HIS A 242 10.98 0.24 18.11
C HIS A 242 10.74 -0.52 19.41
N THR A 243 10.32 -1.79 19.34
CA THR A 243 10.12 -2.57 20.57
C THR A 243 11.45 -3.19 21.02
N ASN A 244 12.46 -3.13 20.16
CA ASN A 244 13.78 -3.62 20.57
C ASN A 244 14.61 -2.46 21.13
N LYS A 245 14.93 -2.55 22.42
CA LYS A 245 15.60 -1.44 23.11
C LYS A 245 16.95 -1.04 22.52
N LYS A 246 17.59 -1.95 21.80
CA LYS A 246 18.87 -1.59 21.19
C LYS A 246 18.70 -0.66 19.99
N MET A 247 17.48 -0.58 19.44
CA MET A 247 17.26 0.31 18.29
C MET A 247 17.00 1.74 18.75
N THR A 248 18.00 2.32 19.41
CA THR A 248 17.92 3.66 19.95
C THR A 248 17.91 4.71 18.85
N LYS A 249 17.66 5.96 19.25
CA LYS A 249 17.69 7.08 18.33
C LYS A 249 19.06 7.19 17.66
N SER A 250 20.11 6.92 18.43
CA SER A 250 21.45 6.98 17.82
C SER A 250 21.64 5.88 16.78
N VAL A 251 21.13 4.69 17.06
CA VAL A 251 21.23 3.62 16.08
C VAL A 251 20.43 3.94 14.82
N ARG A 252 19.23 4.49 14.99
CA ARG A 252 18.39 4.83 13.85
C ARG A 252 19.04 5.93 13.03
N GLU A 253 19.63 6.91 13.70
CA GLU A 253 20.31 8.02 13.00
C GLU A 253 21.55 7.51 12.27
N ALA A 254 22.26 6.57 12.89
CA ALA A 254 23.45 5.98 12.28
C ALA A 254 23.10 5.27 10.98
N LEU A 255 22.11 4.39 11.04
CA LEU A 255 21.65 3.67 9.85
C LEU A 255 21.11 4.64 8.77
N ASP A 256 20.41 5.69 9.20
CA ASP A 256 19.94 6.74 8.30
C ASP A 256 21.11 7.35 7.51
N HIS A 257 22.27 7.42 8.17
CA HIS A 257 23.46 8.01 7.53
C HIS A 257 24.33 7.02 6.76
N ILE A 258 24.05 5.74 6.89
CA ILE A 258 24.82 4.74 6.14
C ILE A 258 24.17 4.55 4.77
N ILE A 259 22.87 4.82 4.69
CA ILE A 259 22.15 4.84 3.41
C ILE A 259 22.67 5.96 2.49
N ASP A 260 22.90 5.63 1.23
CA ASP A 260 23.24 6.65 0.21
C ASP A 260 22.05 6.76 -0.73
N ARG A 261 21.11 7.67 -0.41
CA ARG A 261 19.87 7.76 -1.19
C ARG A 261 20.06 8.19 -2.64
N GLN A 262 20.95 9.14 -2.90
CA GLN A 262 21.14 9.53 -4.29
C GLN A 262 21.75 8.38 -5.10
N GLY A 263 22.67 7.64 -4.50
CA GLY A 263 23.27 6.49 -5.16
C GLY A 263 22.27 5.39 -5.44
N ILE A 264 21.41 5.12 -4.47
CA ILE A 264 20.39 4.11 -4.62
C ILE A 264 19.46 4.51 -5.77
N ALA A 265 19.05 5.78 -5.81
CA ALA A 265 18.13 6.23 -6.85
C ALA A 265 18.76 6.16 -8.24
N ASP A 266 20.04 6.50 -8.32
CA ASP A 266 20.72 6.55 -9.60
C ASP A 266 21.08 5.18 -10.12
N HIS A 267 21.51 4.30 -9.22
CA HIS A 267 22.17 3.06 -9.63
C HIS A 267 21.36 1.79 -9.32
N ILE A 268 20.63 1.78 -8.21
CA ILE A 268 19.82 0.62 -7.94
C ILE A 268 18.46 0.78 -8.64
N TYR A 269 17.89 1.97 -8.58
CA TYR A 269 16.60 2.20 -9.27
C TYR A 269 16.82 2.69 -10.70
N GLN A 270 18.09 2.92 -11.03
CA GLN A 270 18.48 3.37 -12.37
C GLN A 270 17.65 4.56 -12.87
N GLY A 271 17.35 5.49 -11.97
CA GLY A 271 16.65 6.69 -12.33
C GLY A 271 15.13 6.58 -12.32
N TYR A 272 14.59 5.42 -11.97
CA TYR A 272 13.13 5.27 -11.84
C TYR A 272 12.66 5.53 -10.40
N ALA A 273 13.41 6.36 -9.70
CA ALA A 273 13.07 6.79 -8.35
C ALA A 273 13.77 8.08 -8.01
N LYS A 274 13.26 8.77 -6.99
CA LYS A 274 13.89 9.95 -6.43
C LYS A 274 14.19 9.74 -4.95
N PRO A 275 15.34 10.25 -4.49
CA PRO A 275 15.72 10.12 -3.08
C PRO A 275 14.63 10.68 -2.16
N ALA A 276 14.32 9.93 -1.11
CA ALA A 276 13.23 10.28 -0.23
C ALA A 276 13.70 10.95 1.06
N THR A 277 12.80 11.73 1.64
CA THR A 277 13.04 12.41 2.89
C THR A 277 11.91 12.05 3.86
N SER A 278 10.72 12.58 3.62
CA SER A 278 9.55 12.20 4.42
C SER A 278 8.90 10.95 3.80
N PRO A 279 7.82 10.42 4.42
CA PRO A 279 7.08 9.36 3.73
C PRO A 279 6.51 9.73 2.35
N PHE A 280 6.32 11.04 2.12
CA PHE A 280 5.48 11.50 1.02
C PHE A 280 6.28 12.07 -0.14
N ASN A 281 5.97 11.61 -1.35
CA ASN A 281 6.63 12.06 -2.58
C ASN A 281 6.74 13.59 -2.64
N ASP A 282 7.95 14.09 -2.90
CA ASP A 282 8.20 15.53 -2.88
C ASP A 282 7.55 16.24 -4.06
N LYS A 283 6.95 15.48 -4.96
CA LYS A 283 6.18 16.04 -6.06
C LYS A 283 4.93 16.73 -5.53
N ILE A 284 4.46 16.33 -4.34
CA ILE A 284 3.24 16.93 -3.77
C ILE A 284 3.57 18.34 -3.28
N PRO A 285 2.90 19.34 -3.87
CA PRO A 285 3.31 20.75 -3.74
C PRO A 285 3.29 21.31 -2.31
N TYR A 286 2.36 20.89 -1.46
CA TYR A 286 2.24 21.49 -0.14
C TYR A 286 3.12 20.82 0.93
N ILE A 287 3.73 19.70 0.58
CA ILE A 287 4.60 18.99 1.50
C ILE A 287 5.91 19.72 1.70
N LYS A 288 6.25 20.02 2.95
CA LYS A 288 7.56 20.57 3.26
C LYS A 288 8.45 19.42 3.74
N GLU A 289 9.36 19.00 2.88
CA GLU A 289 10.24 17.86 3.18
C GLU A 289 11.34 18.23 4.18
N PRO A 290 11.71 17.28 5.05
CA PRO A 290 12.89 17.53 5.88
C PRO A 290 14.14 17.47 4.99
N LYS A 291 15.28 17.94 5.48
CA LYS A 291 16.48 17.96 4.64
C LYS A 291 16.95 16.55 4.27
N LEU A 292 17.49 16.44 3.08
CA LEU A 292 17.96 15.16 2.56
C LEU A 292 19.18 14.72 3.35
N THR A 293 19.15 13.52 3.90
CA THR A 293 20.33 12.94 4.54
C THR A 293 21.30 12.42 3.49
N LYS A 294 22.54 12.86 3.57
CA LYS A 294 23.57 12.35 2.67
C LYS A 294 24.42 11.34 3.44
N GLN A 295 24.86 10.30 2.75
CA GLN A 295 25.66 9.25 3.38
C GLN A 295 26.87 9.86 4.08
N ASN A 296 27.06 9.49 5.35
CA ASN A 296 28.22 9.93 6.10
C ASN A 296 28.64 8.84 7.06
N ILE A 297 29.59 8.02 6.64
CA ILE A 297 30.01 6.85 7.42
C ILE A 297 30.71 7.31 8.70
N GLU A 298 31.49 8.38 8.62
CA GLU A 298 32.16 8.86 9.83
C GLU A 298 31.16 9.31 10.89
N GLN A 299 30.13 10.03 10.46
CA GLN A 299 29.05 10.45 11.33
C GLN A 299 28.37 9.24 11.99
N ALA A 300 28.00 8.25 11.16
CA ALA A 300 27.40 7.01 11.68
C ALA A 300 28.25 6.37 12.76
N LYS A 301 29.56 6.25 12.49
CA LYS A 301 30.48 5.70 13.48
C LYS A 301 30.47 6.47 14.78
N MET A 302 30.40 7.79 14.69
CA MET A 302 30.36 8.65 15.87
C MET A 302 29.06 8.46 16.66
N LEU A 303 27.96 8.31 15.94
CA LEU A 303 26.65 8.12 16.56
C LEU A 303 26.58 6.79 17.30
N LEU A 304 27.18 5.75 16.70
CA LEU A 304 27.22 4.42 17.32
C LEU A 304 28.15 4.37 18.53
N ALA A 305 29.19 5.19 18.51
CA ALA A 305 30.12 5.28 19.64
C ALA A 305 29.40 5.73 20.91
N LYS A 306 28.35 6.55 20.75
CA LYS A 306 27.58 7.01 21.90
C LYS A 306 26.92 5.84 22.62
N ASP A 307 26.57 4.80 21.85
CA ASP A 307 25.98 3.59 22.41
C ASP A 307 27.06 2.53 22.74
N GLY A 308 28.33 2.88 22.54
CA GLY A 308 29.44 2.01 22.92
C GLY A 308 29.90 1.02 21.87
N TYR A 309 29.42 1.17 20.64
CA TYR A 309 29.80 0.22 19.59
C TYR A 309 31.11 0.59 18.92
N THR A 310 31.95 -0.42 18.68
CA THR A 310 33.26 -0.22 18.10
C THR A 310 33.57 -1.30 17.07
N LYS A 311 34.73 -1.21 16.42
CA LYS A 311 35.12 -2.27 15.49
C LYS A 311 35.25 -3.60 16.23
N GLU A 312 35.73 -3.53 17.48
CA GLU A 312 35.89 -4.72 18.31
C GLU A 312 34.55 -5.22 18.81
N HIS A 313 33.65 -4.30 19.12
CA HIS A 313 32.33 -4.68 19.64
C HIS A 313 31.23 -4.03 18.82
N PRO A 314 31.02 -4.54 17.59
CA PRO A 314 30.10 -3.91 16.65
C PRO A 314 28.64 -4.10 17.03
N LEU A 315 27.81 -3.22 16.49
CA LEU A 315 26.39 -3.40 16.57
C LEU A 315 26.00 -4.55 15.66
N LYS A 316 25.16 -5.46 16.15
CA LYS A 316 24.63 -6.54 15.32
C LYS A 316 23.16 -6.26 15.01
N ILE A 317 22.83 -6.29 13.73
CA ILE A 317 21.47 -5.98 13.27
C ILE A 317 20.92 -7.12 12.43
N LYS A 318 19.73 -7.62 12.77
CA LYS A 318 19.06 -8.58 11.91
C LYS A 318 18.09 -7.83 11.00
N LEU A 319 18.44 -7.76 9.71
CA LEU A 319 17.66 -7.03 8.73
C LEU A 319 16.86 -7.97 7.86
N ILE A 320 15.54 -7.84 7.87
CA ILE A 320 14.68 -8.66 7.04
C ILE A 320 14.51 -8.02 5.66
N THR A 321 14.33 -8.86 4.65
CA THR A 321 13.99 -8.35 3.32
C THR A 321 13.06 -9.35 2.65
N TYR A 322 12.61 -9.01 1.45
CA TYR A 322 11.72 -9.89 0.69
C TYR A 322 11.83 -9.53 -0.78
N ASP A 323 11.43 -10.45 -1.64
CA ASP A 323 11.64 -10.29 -3.08
C ASP A 323 10.57 -9.46 -3.78
N GLY A 324 9.38 -9.33 -3.18
CA GLY A 324 8.22 -8.78 -3.88
C GLY A 324 8.45 -7.45 -4.58
N ARG A 325 9.06 -6.51 -3.86
CA ARG A 325 9.53 -5.27 -4.46
C ARG A 325 11.00 -5.52 -4.81
N PRO A 326 11.31 -5.65 -6.10
CA PRO A 326 12.59 -6.25 -6.48
C PRO A 326 13.84 -5.48 -6.05
N GLU A 327 13.71 -4.17 -5.81
CA GLU A 327 14.91 -3.40 -5.49
C GLU A 327 15.29 -3.45 -4.01
N LEU A 328 14.36 -3.88 -3.15
CA LEU A 328 14.60 -3.86 -1.72
C LEU A 328 15.81 -4.70 -1.32
N SER A 329 15.95 -5.92 -1.86
CA SER A 329 17.04 -6.78 -1.41
C SER A 329 18.38 -6.31 -1.99
N LYS A 330 18.31 -5.61 -3.12
CA LYS A 330 19.50 -4.94 -3.67
C LYS A 330 19.97 -3.81 -2.73
N ILE A 331 19.03 -3.04 -2.20
CA ILE A 331 19.37 -2.03 -1.19
C ILE A 331 19.98 -2.68 0.06
N ALA A 332 19.35 -3.75 0.54
CA ALA A 332 19.86 -4.48 1.70
C ALA A 332 21.34 -4.92 1.53
N GLN A 333 21.70 -5.42 0.34
N GLN A 333 21.68 -5.45 0.35
CA GLN A 333 23.08 -5.85 0.08
CA GLN A 333 23.04 -5.93 0.07
C GLN A 333 24.08 -4.69 0.24
C GLN A 333 24.05 -4.80 0.20
N VAL A 334 23.73 -3.52 -0.29
N VAL A 334 23.70 -3.64 -0.33
CA VAL A 334 24.68 -2.40 -0.22
CA VAL A 334 24.56 -2.47 -0.24
C VAL A 334 24.64 -1.76 1.17
C VAL A 334 24.67 -2.00 1.21
N LEU A 335 23.53 -1.93 1.88
CA LEU A 335 23.46 -1.47 3.26
C LEU A 335 24.40 -2.30 4.12
N GLN A 336 24.37 -3.62 3.92
CA GLN A 336 25.20 -4.55 4.67
C GLN A 336 26.69 -4.25 4.47
N SER A 337 27.06 -4.02 3.22
N SER A 337 27.05 -4.03 3.21
CA SER A 337 28.46 -3.79 2.87
CA SER A 337 28.44 -3.77 2.84
C SER A 337 28.96 -2.47 3.43
C SER A 337 28.93 -2.48 3.48
N ASP A 338 28.17 -1.41 3.30
CA ASP A 338 28.55 -0.11 3.82
C ASP A 338 28.50 -0.06 5.35
N ALA A 339 27.56 -0.76 5.95
CA ALA A 339 27.40 -0.73 7.40
C ALA A 339 28.61 -1.30 8.11
N LYS A 340 29.27 -2.26 7.48
CA LYS A 340 30.48 -2.87 8.06
C LYS A 340 31.55 -1.80 8.29
N LYS A 341 31.61 -0.81 7.40
CA LYS A 341 32.53 0.31 7.54
C LYS A 341 32.18 1.20 8.74
N ALA A 342 30.93 1.12 9.21
CA ALA A 342 30.52 1.92 10.37
C ALA A 342 30.41 1.11 11.67
N ASN A 343 31.01 -0.08 11.69
CA ASN A 343 30.99 -0.97 12.85
C ASN A 343 29.61 -1.56 13.14
N ILE A 344 28.86 -1.87 12.07
CA ILE A 344 27.61 -2.62 12.21
C ILE A 344 27.68 -3.91 11.41
N GLU A 345 27.38 -5.03 12.05
CA GLU A 345 27.31 -6.27 11.30
C GLU A 345 25.84 -6.62 11.03
N ILE A 346 25.42 -6.41 9.80
CA ILE A 346 24.04 -6.71 9.41
C ILE A 346 23.92 -8.15 8.91
N ASP A 347 22.96 -8.90 9.44
CA ASP A 347 22.64 -10.21 8.89
C ASP A 347 21.37 -10.01 8.07
N ILE A 348 21.39 -10.38 6.80
CA ILE A 348 20.19 -10.22 5.97
C ILE A 348 19.41 -11.50 5.95
N LYS A 349 18.13 -11.42 6.32
CA LYS A 349 17.25 -12.58 6.22
C LYS A 349 16.15 -12.31 5.22
N SER A 350 16.20 -12.99 4.07
CA SER A 350 15.13 -12.87 3.08
C SER A 350 13.99 -13.85 3.38
N VAL A 351 12.77 -13.34 3.42
CA VAL A 351 11.62 -14.17 3.76
C VAL A 351 10.57 -14.15 2.66
N ASP A 352 9.80 -15.22 2.59
CA ASP A 352 8.82 -15.41 1.53
C ASP A 352 7.50 -14.72 1.85
N ASP A 353 7.17 -14.67 3.14
CA ASP A 353 5.91 -14.06 3.62
C ASP A 353 6.26 -12.94 4.60
N ILE A 354 6.39 -11.72 4.09
CA ILE A 354 6.97 -10.67 4.89
C ILE A 354 6.06 -10.29 6.07
N GLU A 355 4.75 -10.14 5.87
CA GLU A 355 3.90 -9.74 6.99
C GLU A 355 3.77 -10.86 8.02
N GLY A 356 3.74 -12.09 7.55
CA GLY A 356 3.78 -13.24 8.45
C GLY A 356 5.02 -13.20 9.31
N TYR A 357 6.13 -12.81 8.72
CA TYR A 357 7.36 -12.80 9.50
C TYR A 357 7.40 -11.64 10.49
N LEU A 358 7.00 -10.44 10.09
CA LEU A 358 7.18 -9.27 10.95
C LEU A 358 6.24 -9.25 12.15
N LYS A 359 5.22 -10.09 12.13
CA LYS A 359 4.28 -10.22 13.25
C LYS A 359 4.99 -10.57 14.55
N ASP A 360 6.05 -11.37 14.45
CA ASP A 360 6.88 -11.68 15.60
C ASP A 360 7.93 -10.59 15.79
N ARG A 361 7.67 -9.65 16.70
CA ARG A 361 8.57 -8.52 16.88
C ARG A 361 9.83 -8.90 17.64
N SER A 362 9.90 -10.16 18.10
CA SER A 362 11.14 -10.67 18.69
C SER A 362 12.11 -11.13 17.61
N ALA A 363 11.64 -11.24 16.37
CA ALA A 363 12.41 -11.91 15.32
C ALA A 363 13.17 -10.96 14.40
N TRP A 364 13.08 -9.65 14.62
CA TRP A 364 13.76 -8.73 13.73
C TRP A 364 14.13 -7.41 14.37
N ASP A 365 15.19 -6.79 13.86
CA ASP A 365 15.62 -5.48 14.36
C ASP A 365 15.19 -4.38 13.42
N ALA A 366 15.31 -4.67 12.13
CA ALA A 366 14.89 -3.75 11.10
C ALA A 366 14.43 -4.54 9.88
N THR A 367 13.69 -3.89 8.99
CA THR A 367 13.25 -4.58 7.78
C THR A 367 13.23 -3.60 6.62
N MET A 368 13.64 -4.08 5.45
CA MET A 368 13.33 -3.37 4.22
C MET A 368 11.82 -3.36 4.11
N TYR A 369 11.26 -2.28 3.59
CA TYR A 369 9.81 -2.21 3.52
C TYR A 369 9.39 -1.25 2.44
N SER A 370 8.09 -1.23 2.15
CA SER A 370 7.54 -0.35 1.14
C SER A 370 6.14 0.03 1.55
N PHE A 371 5.84 1.32 1.55
CA PHE A 371 4.54 1.85 1.98
C PHE A 371 3.84 2.55 0.82
N GLY A 372 2.54 2.34 0.66
CA GLY A 372 1.76 3.27 -0.14
C GLY A 372 1.36 4.41 0.78
N THR A 373 2.08 5.52 0.73
CA THR A 373 1.97 6.50 1.81
C THR A 373 0.88 7.55 1.65
N ILE A 374 0.31 7.68 0.46
CA ILE A 374 -0.76 8.67 0.31
C ILE A 374 -1.60 8.32 -0.90
N PRO A 375 -2.46 7.31 -0.73
CA PRO A 375 -3.20 6.73 -1.85
C PRO A 375 -4.43 7.54 -2.24
N ARG A 376 -4.95 8.36 -1.34
CA ARG A 376 -6.20 9.05 -1.61
C ARG A 376 -6.15 10.56 -1.28
N GLY A 377 -4.98 11.16 -1.51
CA GLY A 377 -4.86 12.61 -1.50
C GLY A 377 -4.66 13.26 -0.15
N ASP A 378 -4.58 12.47 0.91
CA ASP A 378 -4.41 13.05 2.24
C ASP A 378 -3.45 12.26 3.10
N THR A 379 -2.65 12.97 3.91
CA THR A 379 -1.61 12.33 4.70
C THR A 379 -2.13 11.63 5.96
N GLY A 380 -3.37 11.91 6.32
CA GLY A 380 -3.92 11.41 7.58
C GLY A 380 -3.91 9.90 7.68
N TYR A 381 -4.26 9.24 6.59
CA TYR A 381 -4.32 7.77 6.55
C TYR A 381 -2.99 7.18 7.00
N PHE A 382 -1.90 7.65 6.40
CA PHE A 382 -0.58 7.14 6.78
C PHE A 382 -0.26 7.43 8.25
N PHE A 383 -0.49 8.65 8.70
CA PHE A 383 -0.17 9.00 10.07
C PHE A 383 -0.95 8.11 11.06
N ASN A 384 -2.24 7.92 10.82
CA ASN A 384 -3.05 7.15 11.74
C ASN A 384 -2.69 5.67 11.73
N GLN A 385 -2.35 5.15 10.56
CA GLN A 385 -2.13 3.70 10.45
C GLN A 385 -0.67 3.32 10.68
N ALA A 386 0.25 4.26 10.45
CA ALA A 386 1.69 3.95 10.49
C ALA A 386 2.41 4.54 11.70
N TYR A 387 1.90 5.64 12.26
CA TYR A 387 2.61 6.34 13.35
C TYR A 387 1.89 6.28 14.70
N LYS A 388 0.63 5.79 14.72
CA LYS A 388 -0.07 5.62 16.00
C LYS A 388 0.08 4.20 16.50
N LYS A 389 0.16 4.03 17.82
CA LYS A 389 0.22 2.69 18.37
C LYS A 389 -0.99 1.86 17.93
N ASP A 390 -0.70 0.63 17.52
CA ASP A 390 -1.71 -0.28 17.03
C ASP A 390 -2.33 0.18 15.73
N GLY A 391 -1.75 1.20 15.09
CA GLY A 391 -2.08 1.49 13.71
C GLY A 391 -1.80 0.25 12.89
N ALA A 392 -2.65 -0.04 11.91
CA ALA A 392 -2.59 -1.37 11.28
C ALA A 392 -1.35 -1.65 10.44
N ILE A 393 -0.65 -0.61 9.99
CA ILE A 393 0.54 -0.84 9.20
C ILE A 393 1.82 -0.41 9.94
N ASN A 394 1.70 -0.17 11.25
CA ASN A 394 2.81 0.23 12.13
C ASN A 394 3.56 -1.01 12.63
N LYS A 395 4.24 -1.70 11.71
CA LYS A 395 4.79 -3.01 12.02
C LYS A 395 5.88 -2.94 13.10
N GLY A 396 6.62 -1.83 13.16
CA GLY A 396 7.64 -1.62 14.17
C GLY A 396 7.21 -0.89 15.45
N ASP A 397 5.90 -0.60 15.57
CA ASP A 397 5.34 -0.04 16.81
C ASP A 397 5.95 1.31 17.20
N TYR A 398 6.20 2.18 16.22
CA TYR A 398 6.59 3.56 16.51
C TYR A 398 5.45 4.31 17.22
N ASN A 399 5.76 5.05 18.28
CA ASN A 399 4.74 5.92 18.88
C ASN A 399 5.39 6.97 19.76
N ASN A 400 4.90 8.19 19.62
CA ASN A 400 5.43 9.35 20.32
C ASN A 400 4.22 10.19 20.65
N SER A 401 3.98 10.41 21.95
N SER A 401 3.97 10.42 21.94
CA SER A 401 2.80 11.14 22.42
CA SER A 401 2.75 11.11 22.37
C SER A 401 2.64 12.50 21.76
C SER A 401 2.63 12.52 21.77
N ASN A 402 3.77 13.15 21.50
CA ASN A 402 3.77 14.49 20.93
C ASN A 402 3.30 14.46 19.49
N VAL A 403 3.72 13.40 18.79
CA VAL A 403 3.22 13.17 17.44
C VAL A 403 1.74 12.79 17.46
N ASP A 404 1.36 11.89 18.37
CA ASP A 404 -0.05 11.52 18.58
C ASP A 404 -0.98 12.73 18.70
N ASP A 405 -0.57 13.70 19.52
CA ASP A 405 -1.40 14.88 19.77
CA ASP A 405 -1.41 14.87 19.76
C ASP A 405 -1.71 15.60 18.45
N LEU A 406 -0.68 15.78 17.62
CA LEU A 406 -0.85 16.48 16.34
C LEU A 406 -1.70 15.68 15.37
N ILE A 407 -1.49 14.37 15.35
CA ILE A 407 -2.31 13.51 14.50
C ILE A 407 -3.76 13.62 14.95
N ASN A 408 -3.99 13.60 16.26
CA ASN A 408 -5.36 13.67 16.79
C ASN A 408 -6.02 14.99 16.41
N GLN A 409 -5.28 16.08 16.52
CA GLN A 409 -5.75 17.37 16.07
C GLN A 409 -6.05 17.37 14.56
N LEU A 410 -5.14 16.81 13.77
CA LEU A 410 -5.34 16.68 12.33
C LEU A 410 -6.67 16.01 12.00
N ASN A 411 -7.01 14.94 12.73
CA ASN A 411 -8.19 14.15 12.40
C ASN A 411 -9.50 14.91 12.44
N HIS A 412 -9.55 15.99 13.21
CA HIS A 412 -10.76 16.80 13.31
C HIS A 412 -10.63 18.15 12.60
N THR A 413 -9.52 18.35 11.90
CA THR A 413 -9.30 19.61 11.22
C THR A 413 -9.94 19.61 9.84
N VAL A 414 -10.88 20.54 9.64
CA VAL A 414 -11.62 20.61 8.38
C VAL A 414 -10.93 21.45 7.31
N ASP A 415 -10.41 22.61 7.69
CA ASP A 415 -9.77 23.50 6.74
C ASP A 415 -8.53 22.84 6.11
N VAL A 416 -8.51 22.76 4.79
CA VAL A 416 -7.46 22.00 4.09
C VAL A 416 -6.07 22.61 4.25
N LYS A 417 -5.96 23.94 4.17
CA LYS A 417 -4.66 24.56 4.35
C LYS A 417 -4.13 24.31 5.77
N GLU A 418 -5.04 24.32 6.75
CA GLU A 418 -4.66 23.98 8.12
C GLU A 418 -4.28 22.51 8.24
N ARG A 419 -4.94 21.63 7.49
CA ARG A 419 -4.52 20.23 7.48
C ARG A 419 -3.09 20.13 6.96
N HIS A 420 -2.80 20.84 5.87
CA HIS A 420 -1.48 20.81 5.26
C HIS A 420 -0.43 21.29 6.27
N ASN A 421 -0.78 22.32 7.02
CA ASN A 421 0.10 22.90 8.04
C ASN A 421 0.40 21.91 9.18
N ILE A 422 -0.64 21.32 9.75
CA ILE A 422 -0.45 20.37 10.84
C ILE A 422 0.32 19.14 10.33
N SER A 423 0.03 18.74 9.09
N SER A 423 0.04 18.75 9.09
CA SER A 423 0.73 17.60 8.48
CA SER A 423 0.72 17.61 8.46
C SER A 423 2.22 17.89 8.36
C SER A 423 2.22 17.89 8.36
N ASN A 424 2.57 19.10 7.94
CA ASN A 424 3.99 19.45 7.84
C ASN A 424 4.61 19.50 9.23
N ASP A 425 3.82 19.91 10.22
CA ASP A 425 4.25 19.90 11.62
C ASP A 425 4.56 18.48 12.10
N ILE A 426 3.70 17.53 11.71
CA ILE A 426 3.90 16.13 12.05
C ILE A 426 5.16 15.60 11.37
N ILE A 427 5.32 15.92 10.09
CA ILE A 427 6.52 15.51 9.35
C ILE A 427 7.76 16.04 10.07
N LYS A 428 7.72 17.31 10.46
CA LYS A 428 8.93 17.92 11.05
C LYS A 428 9.25 17.28 12.40
N LEU A 429 8.23 17.10 13.24
CA LEU A 429 8.46 16.53 14.56
C LEU A 429 8.86 15.04 14.50
N SER A 430 8.10 14.26 13.75
CA SER A 430 8.38 12.83 13.64
C SER A 430 9.75 12.59 13.01
N SER A 431 10.13 13.41 12.04
CA SER A 431 11.42 13.24 11.38
C SER A 431 12.59 13.24 12.35
N ARG A 432 12.45 13.97 13.45
CA ARG A 432 13.51 14.04 14.46
C ARG A 432 13.72 12.71 15.13
N ASP A 433 12.65 11.90 15.21
CA ASP A 433 12.70 10.58 15.81
C ASP A 433 13.30 9.51 14.91
N VAL A 434 13.37 9.80 13.60
CA VAL A 434 13.68 8.79 12.58
C VAL A 434 12.84 7.52 12.80
N PRO A 435 11.51 7.64 12.62
CA PRO A 435 10.61 6.50 12.87
C PRO A 435 10.98 5.34 11.94
N ASN A 436 11.21 5.75 10.69
CA ASN A 436 11.78 4.93 9.63
C ASN A 436 12.73 5.79 8.82
N SER A 437 13.58 5.16 8.04
CA SER A 437 14.43 5.89 7.10
C SER A 437 13.82 5.72 5.71
N TYR A 438 13.21 6.78 5.17
CA TYR A 438 12.57 6.69 3.86
C TYR A 438 13.63 6.83 2.78
N ILE A 439 13.66 5.87 1.87
CA ILE A 439 14.81 5.77 0.97
C ILE A 439 14.50 6.36 -0.40
N ALA A 440 13.42 5.93 -1.03
CA ALA A 440 13.15 6.39 -2.39
C ALA A 440 11.67 6.48 -2.67
N TYR A 441 11.30 7.47 -3.47
CA TYR A 441 9.96 7.54 -4.06
C TYR A 441 10.07 6.85 -5.40
N ASN A 442 9.65 5.59 -5.50
CA ASN A 442 9.98 4.83 -6.71
C ASN A 442 8.79 4.47 -7.59
N ASP A 443 9.05 4.44 -8.90
CA ASP A 443 8.01 4.19 -9.90
C ASP A 443 7.45 2.78 -9.80
N GLN A 444 6.15 2.66 -9.99
CA GLN A 444 5.55 1.34 -10.24
C GLN A 444 5.78 1.02 -11.72
N ILE A 445 6.32 -0.15 -11.99
CA ILE A 445 6.64 -0.53 -13.36
C ILE A 445 5.87 -1.79 -13.69
N VAL A 446 4.98 -1.69 -14.68
CA VAL A 446 4.09 -2.79 -15.05
C VAL A 446 4.42 -3.19 -16.49
N ALA A 447 4.36 -4.48 -16.78
CA ALA A 447 4.69 -4.96 -18.13
C ALA A 447 3.64 -5.95 -18.62
N ALA A 448 3.42 -5.97 -19.92
CA ALA A 448 2.36 -6.80 -20.47
C ALA A 448 2.64 -7.22 -21.89
N ASN A 449 1.96 -8.27 -22.31
CA ASN A 449 1.94 -8.63 -23.71
C ASN A 449 1.32 -7.46 -24.44
N SER A 450 1.85 -7.10 -25.61
CA SER A 450 1.33 -5.96 -26.36
C SER A 450 -0.16 -6.08 -26.69
N LYS A 451 -0.69 -7.31 -26.66
CA LYS A 451 -2.11 -7.53 -26.95
C LYS A 451 -3.02 -7.17 -25.78
N VAL A 452 -2.45 -6.95 -24.60
CA VAL A 452 -3.27 -6.63 -23.44
C VAL A 452 -3.48 -5.12 -23.39
N LYS A 453 -4.75 -4.71 -23.30
CA LYS A 453 -5.10 -3.30 -23.39
C LYS A 453 -5.93 -2.83 -22.20
N ASN A 454 -5.79 -1.55 -21.86
CA ASN A 454 -6.69 -0.89 -20.92
C ASN A 454 -6.71 -1.51 -19.51
N TYR A 455 -5.52 -1.79 -19.00
CA TYR A 455 -5.35 -2.01 -17.57
C TYR A 455 -4.89 -0.70 -16.96
N LYS A 456 -4.96 -0.58 -15.64
CA LYS A 456 -4.65 0.67 -14.94
C LYS A 456 -3.25 0.67 -14.34
N VAL A 457 -2.48 1.71 -14.62
CA VAL A 457 -1.22 1.94 -13.91
C VAL A 457 -1.24 3.41 -13.48
N THR A 458 -1.94 3.67 -12.41
CA THR A 458 -2.22 5.04 -12.01
C THR A 458 -1.60 5.31 -10.64
N PRO A 459 -1.48 6.59 -10.25
CA PRO A 459 -0.58 6.92 -9.14
C PRO A 459 -0.90 6.27 -7.80
N GLU A 460 -2.14 5.84 -7.56
CA GLU A 460 -2.48 5.29 -6.26
C GLU A 460 -1.92 3.88 -6.05
N GLY A 461 -1.47 3.23 -7.12
CA GLY A 461 -0.79 1.94 -7.03
C GLY A 461 -1.64 0.82 -6.46
N ILE A 462 -2.93 0.82 -6.78
CA ILE A 462 -3.89 -0.15 -6.24
C ILE A 462 -4.66 -0.81 -7.40
N TYR A 463 -5.22 0.00 -8.28
CA TYR A 463 -6.05 -0.54 -9.38
C TYR A 463 -5.22 -1.21 -10.47
N LEU A 464 -5.82 -2.16 -11.18
CA LEU A 464 -5.15 -2.78 -12.32
C LEU A 464 -6.17 -3.23 -13.37
N ILE A 465 -7.13 -4.05 -12.92
CA ILE A 465 -8.14 -4.63 -13.81
C ILE A 465 -9.47 -3.90 -13.67
N ASP A 466 -10.06 -3.52 -14.79
CA ASP A 466 -11.45 -3.09 -14.75
C ASP A 466 -12.24 -3.71 -15.90
N TYR A 467 -13.45 -3.23 -16.11
CA TYR A 467 -14.34 -3.86 -17.09
C TYR A 467 -13.96 -3.55 -18.54
N ARG A 468 -12.93 -2.74 -18.73
CA ARG A 468 -12.50 -2.40 -20.09
C ARG A 468 -11.19 -3.08 -20.43
N THR A 469 -10.53 -3.66 -19.43
CA THR A 469 -9.30 -4.40 -19.65
C THR A 469 -9.58 -5.52 -20.64
N THR A 470 -8.72 -5.71 -21.64
CA THR A 470 -9.02 -6.69 -22.65
C THR A 470 -7.77 -7.24 -23.34
N ILE A 471 -8.00 -8.14 -24.27
CA ILE A 471 -6.95 -8.71 -25.11
C ILE A 471 -7.36 -8.54 -26.56
N GLU A 472 -6.48 -7.92 -27.35
CA GLU A 472 -6.75 -7.67 -28.76
C GLU A 472 -5.62 -8.21 -29.62
#